data_9PV4
#
_entry.id   9PV4
#
_cell.length_a   1.00
_cell.length_b   1.00
_cell.length_c   1.00
_cell.angle_alpha   90.00
_cell.angle_beta   90.00
_cell.angle_gamma   90.00
#
_symmetry.space_group_name_H-M   'P 1'
#
loop_
_entity.id
_entity.type
_entity.pdbx_description
1 polymer 'W6-10 mouse Fab heavy chain'
2 polymer 'W6-10 mouse Fab light chain'
3 polymer '10E8-GT12 immunogen'
4 polymer '10E8 human Fab heavy chain'
5 polymer '10E8 human Fab light chain'
6 non-polymer 2-acetamido-2-deoxy-beta-D-glucopyranose
#
loop_
_entity_poly.entity_id
_entity_poly.type
_entity_poly.pdbx_seq_one_letter_code
_entity_poly.pdbx_strand_id
1 'polypeptide(L)'
;QVTLKESGPGILQPSQTLSLTCSFSGFSLSTFGMGVGWIRQPSGKGLEWLAHIWWDDDKFYNPALKSRLTISKDTSKNQV
FLKIANVDTADTATYYCARIGEDYFLDVWGKGTTVTVSS
;
A
2 'polypeptide(L)'
;DIQMTQSPASLSASVGETVTITCRASGNIHNYLAWYQQKQGKSPQLLVYNAKTLADGVPSRFSGSGSGTQYSLKINSLQP
EDFGSYYCQHFWSAPYTFGGGTNLEIK
;
B
3 'polypeptide(L)'
;ETGNVTQEDIIRALASPLIKDGMVDEDFAEKVIENESRYPSGLQAKGVGFAIPHVLGDYVRDNAISVGILDKPVNFSEWY
QSPDPVPVRVVFMLAIRTWDDITNVMNWIKDVVLDEEFMKRLLNMSDEEIYRQIYTRISKAPNLSGINFSREYVRHLNGS
GGSGLN
;
C
4 'polypeptide(L)'
;EVQLVESGGGLVKPGGSLRLSCSASGFDFDNAWMTWVRQPPGKGLEWVGRITGPGEGWSVDYAAPVEGRFTISRLNSINF
LYLEMNNLRMEDSGLYFCARTGKYYDFWSGYPPGEEYFQDWGRGTLVTVSS
;
H
5 'polypeptide(L)'
;SYELTQETGVSVALGRTVTITCRGDSLRSHYASWYQKKPGQAPILLFYGKNNRPSGVPDRFSGSASGNRASLTISGAQAE
DDAEYYCSSRDKSGSRLSVFGGGTKLTVL
;
L
#
loop_
_chem_comp.id
_chem_comp.type
_chem_comp.name
_chem_comp.formula
NAG D-saccharide, beta linking 2-acetamido-2-deoxy-beta-D-glucopyranose 'C8 H15 N O6'
#
# COMPACT_ATOMS: atom_id res chain seq x y z
N GLN A 1 -0.77 -25.48 28.83
CA GLN A 1 -1.13 -26.52 27.87
C GLN A 1 -2.40 -26.11 27.10
N VAL A 2 -2.30 -26.11 25.75
CA VAL A 2 -3.38 -25.81 24.82
C VAL A 2 -4.18 -27.07 24.55
N THR A 3 -5.48 -26.94 24.71
CA THR A 3 -6.36 -28.07 24.50
C THR A 3 -7.77 -27.62 24.20
N LEU A 4 -8.48 -28.43 23.43
CA LEU A 4 -9.85 -28.11 23.09
C LEU A 4 -10.81 -29.17 23.56
N LYS A 5 -11.86 -28.73 24.24
CA LYS A 5 -12.89 -29.64 24.76
C LYS A 5 -14.21 -29.26 24.11
N GLU A 6 -15.13 -30.20 23.97
CA GLU A 6 -16.37 -29.85 23.31
C GLU A 6 -17.64 -30.36 23.99
N SER A 7 -18.74 -29.66 23.72
CA SER A 7 -20.06 -30.05 24.19
C SER A 7 -21.15 -29.70 23.19
N GLY A 8 -22.15 -30.56 23.11
CA GLY A 8 -23.27 -30.36 22.20
C GLY A 8 -24.28 -31.45 22.46
N PRO A 9 -25.40 -31.46 21.74
CA PRO A 9 -26.50 -32.39 21.87
C PRO A 9 -26.12 -33.73 21.33
N GLY A 10 -26.81 -34.77 21.79
CA GLY A 10 -26.64 -36.10 21.28
C GLY A 10 -27.50 -36.28 20.03
N ILE A 11 -28.81 -36.43 20.25
CA ILE A 11 -29.73 -36.63 19.14
C ILE A 11 -30.54 -35.40 18.83
N LEU A 12 -30.46 -34.99 17.57
CA LEU A 12 -31.15 -33.85 16.99
C LEU A 12 -32.19 -34.36 16.00
N GLN A 13 -33.34 -33.69 15.89
CA GLN A 13 -34.33 -34.14 14.93
C GLN A 13 -34.06 -33.46 13.60
N PRO A 14 -34.32 -34.09 12.46
CA PRO A 14 -34.11 -33.51 11.16
C PRO A 14 -34.83 -32.16 11.07
N SER A 15 -34.13 -31.21 10.46
CA SER A 15 -34.52 -29.81 10.22
C SER A 15 -34.19 -28.87 11.36
N GLN A 16 -33.79 -29.39 12.51
CA GLN A 16 -33.45 -28.55 13.65
C GLN A 16 -32.05 -27.99 13.52
N THR A 17 -31.80 -26.89 14.24
CA THR A 17 -30.49 -26.27 14.29
C THR A 17 -29.60 -26.97 15.31
N LEU A 18 -28.38 -27.26 14.88
CA LEU A 18 -27.35 -27.88 15.67
C LEU A 18 -26.43 -26.86 16.31
N SER A 19 -26.31 -26.92 17.61
CA SER A 19 -25.45 -26.00 18.32
C SER A 19 -24.28 -26.71 18.98
N LEU A 20 -23.07 -26.37 18.53
CA LEU A 20 -21.86 -26.97 19.06
C LEU A 20 -20.96 -25.93 19.69
N THR A 21 -20.58 -26.15 20.95
CA THR A 21 -19.73 -25.16 21.60
C THR A 21 -18.39 -25.81 21.97
N CYS A 22 -17.30 -25.16 21.56
CA CYS A 22 -15.92 -25.56 21.81
C CYS A 22 -15.31 -24.65 22.88
N SER A 23 -14.72 -25.31 23.86
CA SER A 23 -14.05 -24.67 24.96
C SER A 23 -12.60 -24.53 24.58
N PHE A 24 -12.19 -23.29 24.42
CA PHE A 24 -10.88 -22.92 23.95
C PHE A 24 -9.94 -22.69 25.13
N SER A 25 -8.70 -23.18 25.04
CA SER A 25 -7.83 -22.92 26.18
C SER A 25 -6.34 -22.95 25.88
N GLY A 26 -5.56 -22.33 26.79
CA GLY A 26 -4.10 -22.32 26.82
C GLY A 26 -3.43 -21.06 26.26
N PHE A 27 -4.16 -20.25 25.50
CA PHE A 27 -3.62 -19.01 24.94
C PHE A 27 -4.79 -18.11 24.60
N SER A 28 -4.56 -16.83 24.34
CA SER A 28 -5.68 -15.99 23.89
C SER A 28 -6.02 -16.20 22.42
N LEU A 29 -7.30 -16.22 22.09
CA LEU A 29 -7.72 -16.38 20.71
C LEU A 29 -7.46 -15.10 19.92
N SER A 30 -7.21 -14.01 20.64
CA SER A 30 -6.93 -12.71 20.07
C SER A 30 -5.48 -12.61 19.61
N THR A 31 -4.67 -13.63 19.92
CA THR A 31 -3.25 -13.61 19.60
C THR A 31 -3.05 -13.54 18.10
N PHE A 32 -2.18 -12.62 17.69
CA PHE A 32 -1.92 -12.42 16.27
C PHE A 32 -1.44 -13.70 15.62
N GLY A 33 -2.04 -14.01 14.47
CA GLY A 33 -1.69 -15.15 13.64
C GLY A 33 -2.45 -16.44 13.97
N MET A 34 -3.20 -16.45 15.07
CA MET A 34 -3.90 -17.64 15.51
C MET A 34 -5.39 -17.66 15.15
N GLY A 35 -5.99 -18.84 15.25
CA GLY A 35 -7.43 -19.01 15.07
C GLY A 35 -7.87 -20.43 15.41
N VAL A 36 -9.16 -20.70 15.25
CA VAL A 36 -9.76 -22.02 15.51
C VAL A 36 -10.73 -22.40 14.40
N GLY A 37 -11.01 -23.67 14.26
CA GLY A 37 -12.01 -24.04 13.27
C GLY A 37 -12.55 -25.44 13.44
N TRP A 38 -13.50 -25.77 12.59
CA TRP A 38 -14.16 -27.04 12.69
C TRP A 38 -13.99 -27.87 11.46
N ILE A 39 -13.83 -29.18 11.71
CA ILE A 39 -13.72 -30.21 10.69
C ILE A 39 -14.75 -31.31 10.93
N ARG A 40 -15.46 -31.70 9.90
CA ARG A 40 -16.47 -32.75 10.06
C ARG A 40 -15.99 -34.09 9.51
N GLN A 41 -16.38 -35.17 10.19
CA GLN A 41 -16.07 -36.51 9.70
C GLN A 41 -17.22 -37.50 9.88
N PRO A 42 -18.07 -37.72 8.87
CA PRO A 42 -19.16 -38.67 8.90
C PRO A 42 -18.52 -40.01 9.14
N SER A 43 -19.14 -40.91 9.88
CA SER A 43 -18.47 -42.17 10.10
C SER A 43 -18.20 -42.88 8.79
N GLY A 44 -16.99 -43.44 8.67
CA GLY A 44 -16.58 -44.20 7.49
C GLY A 44 -16.06 -43.32 6.35
N LYS A 45 -16.08 -42.01 6.55
CA LYS A 45 -15.66 -41.05 5.53
C LYS A 45 -14.41 -40.30 5.94
N GLY A 46 -13.89 -39.52 5.00
CA GLY A 46 -12.70 -38.71 5.24
C GLY A 46 -13.10 -37.40 5.89
N LEU A 47 -12.20 -36.44 5.89
CA LEU A 47 -12.46 -35.18 6.57
C LEU A 47 -12.98 -34.09 5.64
N GLU A 48 -13.86 -33.24 6.18
CA GLU A 48 -14.37 -32.09 5.45
C GLU A 48 -14.19 -30.80 6.23
N TRP A 49 -13.77 -29.74 5.56
CA TRP A 49 -13.63 -28.48 6.25
C TRP A 49 -15.02 -27.94 6.52
N LEU A 50 -15.28 -27.42 7.71
CA LEU A 50 -16.60 -26.88 8.00
C LEU A 50 -16.66 -25.37 8.27
N ALA A 51 -15.82 -24.88 9.20
CA ALA A 51 -15.92 -23.44 9.56
C ALA A 51 -14.62 -22.91 10.19
N HIS A 52 -14.40 -21.59 10.10
CA HIS A 52 -13.18 -20.99 10.66
C HIS A 52 -13.26 -19.55 11.21
N ILE A 53 -12.72 -19.36 12.43
CA ILE A 53 -12.58 -18.08 13.12
C ILE A 53 -11.13 -17.61 13.26
N TRP A 54 -10.85 -16.41 12.80
CA TRP A 54 -9.53 -15.80 12.96
C TRP A 54 -9.44 -14.82 14.13
N TRP A 55 -8.23 -14.63 14.67
CA TRP A 55 -7.95 -13.64 15.73
C TRP A 55 -8.52 -12.23 15.44
N ASP A 56 -8.66 -11.86 14.17
CA ASP A 56 -9.14 -10.56 13.73
C ASP A 56 -10.62 -10.55 13.36
N ASP A 57 -11.32 -11.61 13.72
CA ASP A 57 -12.73 -11.85 13.46
C ASP A 57 -13.07 -12.07 11.98
N ASP A 58 -12.09 -12.46 11.16
CA ASP A 58 -12.46 -12.85 9.81
C ASP A 58 -13.12 -14.22 9.91
N LYS A 59 -13.94 -14.56 8.93
CA LYS A 59 -14.64 -15.84 8.95
C LYS A 59 -14.72 -16.54 7.62
N PHE A 60 -14.55 -17.86 7.67
CA PHE A 60 -14.67 -18.69 6.48
C PHE A 60 -15.62 -19.84 6.71
N TYR A 61 -16.26 -20.28 5.63
CA TYR A 61 -17.14 -21.42 5.68
C TYR A 61 -16.90 -22.28 4.48
N ASN A 62 -17.22 -23.56 4.59
CA ASN A 62 -17.20 -24.42 3.40
C ASN A 62 -18.41 -24.05 2.55
N PRO A 63 -18.27 -23.53 1.31
CA PRO A 63 -19.33 -23.07 0.44
C PRO A 63 -20.43 -24.08 0.20
N ALA A 64 -20.11 -25.37 0.33
CA ALA A 64 -21.10 -26.40 0.09
C ALA A 64 -22.11 -26.47 1.22
N LEU A 65 -21.69 -26.00 2.39
CA LEU A 65 -22.48 -26.06 3.59
C LEU A 65 -22.97 -24.69 4.03
N LYS A 66 -22.17 -23.66 3.68
CA LYS A 66 -22.27 -22.28 4.13
C LYS A 66 -23.65 -21.68 4.30
N SER A 67 -24.59 -21.96 3.42
CA SER A 67 -25.90 -21.31 3.51
C SER A 67 -26.65 -21.67 4.80
N ARG A 68 -26.23 -22.74 5.46
CA ARG A 68 -26.84 -23.18 6.70
C ARG A 68 -26.06 -22.80 7.96
N LEU A 69 -24.88 -22.20 7.85
CA LEU A 69 -24.15 -22.01 9.10
C LEU A 69 -23.45 -20.70 9.33
N THR A 70 -23.37 -20.37 10.61
CA THR A 70 -22.58 -19.25 11.08
C THR A 70 -21.66 -19.71 12.19
N ILE A 71 -20.55 -19.01 12.34
CA ILE A 71 -19.60 -19.34 13.39
C ILE A 71 -19.30 -18.05 14.12
N SER A 72 -19.11 -18.10 15.43
CA SER A 72 -18.81 -16.86 16.17
C SER A 72 -17.87 -17.02 17.34
N LYS A 73 -17.30 -15.89 17.72
CA LYS A 73 -16.35 -15.80 18.81
C LYS A 73 -16.82 -14.99 19.99
N ASP A 74 -16.43 -15.43 21.18
CA ASP A 74 -16.60 -14.64 22.39
C ASP A 74 -15.41 -14.94 23.27
N THR A 75 -14.49 -13.99 23.37
CA THR A 75 -13.28 -14.24 24.13
C THR A 75 -13.53 -14.26 25.63
N SER A 76 -14.72 -13.81 26.05
CA SER A 76 -15.01 -13.84 27.47
C SER A 76 -15.22 -15.29 27.82
N LYS A 77 -14.36 -15.78 28.69
CA LYS A 77 -14.30 -17.16 29.09
C LYS A 77 -13.97 -18.11 27.92
N ASN A 78 -13.18 -17.64 26.94
CA ASN A 78 -12.70 -18.50 25.85
C ASN A 78 -13.72 -19.36 25.07
N GLN A 79 -14.79 -18.76 24.53
CA GLN A 79 -15.77 -19.58 23.82
C GLN A 79 -15.72 -19.50 22.30
N VAL A 80 -15.89 -20.67 21.69
CA VAL A 80 -15.99 -20.83 20.24
C VAL A 80 -17.32 -21.47 19.87
N PHE A 81 -18.13 -20.80 19.05
CA PHE A 81 -19.45 -21.37 18.77
C PHE A 81 -19.71 -21.64 17.31
N LEU A 82 -20.33 -22.78 17.03
CA LEU A 82 -20.75 -23.13 15.68
C LEU A 82 -22.24 -23.50 15.63
N LYS A 83 -22.99 -22.81 14.78
CA LYS A 83 -24.43 -23.04 14.70
C LYS A 83 -24.87 -23.41 13.28
N ILE A 84 -25.40 -24.62 13.12
CA ILE A 84 -25.80 -25.09 11.79
C ILE A 84 -27.31 -25.35 11.71
N ALA A 85 -27.99 -24.61 10.87
CA ALA A 85 -29.44 -24.67 10.70
C ALA A 85 -29.86 -25.80 9.78
N ASN A 86 -31.11 -26.25 9.89
CA ASN A 86 -31.64 -27.21 8.94
C ASN A 86 -30.77 -28.45 8.77
N VAL A 87 -30.38 -29.07 9.86
CA VAL A 87 -29.54 -30.25 9.84
C VAL A 87 -30.34 -31.53 9.52
N ASP A 88 -29.84 -32.31 8.56
CA ASP A 88 -30.49 -33.53 8.09
C ASP A 88 -29.82 -34.82 8.62
N THR A 89 -30.33 -35.99 8.25
CA THR A 89 -29.75 -37.25 8.73
C THR A 89 -28.41 -37.49 8.07
N ALA A 90 -28.22 -36.81 6.95
CA ALA A 90 -27.03 -36.83 6.14
C ALA A 90 -25.87 -36.16 6.85
N ASP A 91 -26.17 -35.39 7.89
CA ASP A 91 -25.18 -34.63 8.61
C ASP A 91 -24.71 -35.36 9.87
N THR A 92 -25.10 -36.64 10.03
CA THR A 92 -24.58 -37.37 11.19
C THR A 92 -23.08 -37.47 11.01
N ALA A 93 -22.35 -37.06 12.04
CA ALA A 93 -20.89 -37.04 11.95
C ALA A 93 -20.21 -36.74 13.25
N THR A 94 -18.90 -36.95 13.28
CA THR A 94 -18.11 -36.44 14.38
C THR A 94 -17.72 -35.01 14.00
N TYR A 95 -17.94 -34.07 14.90
CA TYR A 95 -17.57 -32.69 14.63
C TYR A 95 -16.38 -32.32 15.50
N TYR A 96 -15.24 -32.03 14.88
CA TYR A 96 -14.02 -31.75 15.64
C TYR A 96 -13.68 -30.27 15.67
N CYS A 97 -13.23 -29.76 16.83
CA CYS A 97 -12.71 -28.41 17.04
C CYS A 97 -11.17 -28.51 17.05
N ALA A 98 -10.54 -27.84 16.09
CA ALA A 98 -9.09 -27.86 15.94
C ALA A 98 -8.53 -26.46 16.17
N ARG A 99 -7.34 -26.40 16.74
CA ARG A 99 -6.66 -25.13 16.95
C ARG A 99 -5.89 -24.85 15.71
N ILE A 100 -5.95 -23.60 15.23
CA ILE A 100 -5.16 -23.20 14.04
C ILE A 100 -3.99 -22.33 14.50
N GLY A 101 -2.79 -22.60 13.98
CA GLY A 101 -1.59 -21.81 14.39
C GLY A 101 -1.17 -20.84 13.31
N GLU A 102 -0.29 -19.89 13.65
CA GLU A 102 0.15 -18.86 12.68
C GLU A 102 0.70 -19.55 11.42
N ASP A 103 0.40 -19.00 10.24
CA ASP A 103 0.85 -19.61 8.96
C ASP A 103 0.32 -21.04 8.88
N TYR A 104 -0.91 -21.29 9.35
CA TYR A 104 -1.54 -22.62 9.22
C TYR A 104 -0.91 -23.62 10.20
N PHE A 105 -1.69 -24.10 11.18
CA PHE A 105 -1.16 -25.13 12.11
C PHE A 105 -2.32 -25.86 12.81
N LEU A 106 -2.86 -26.90 12.17
CA LEU A 106 -3.92 -27.73 12.83
C LEU A 106 -3.21 -28.77 13.70
N ASP A 107 -3.33 -28.68 15.02
CA ASP A 107 -2.56 -29.61 15.90
C ASP A 107 -3.43 -30.14 17.03
N VAL A 108 -4.03 -29.26 17.84
CA VAL A 108 -4.81 -29.72 19.03
C VAL A 108 -5.78 -30.82 18.61
N TRP A 109 -6.56 -30.58 17.54
CA TRP A 109 -7.50 -31.64 17.04
C TRP A 109 -8.27 -32.23 18.21
N GLY A 110 -9.05 -31.41 18.92
CA GLY A 110 -9.78 -31.88 20.11
C GLY A 110 -10.70 -33.04 19.80
N LYS A 111 -10.96 -33.91 20.77
CA LYS A 111 -11.91 -35.06 20.58
C LYS A 111 -13.24 -34.60 20.00
N GLY A 112 -13.83 -35.39 19.09
CA GLY A 112 -15.06 -34.91 18.44
C GLY A 112 -16.43 -35.07 19.04
N THR A 113 -17.24 -34.02 18.90
CA THR A 113 -18.55 -34.28 19.44
C THR A 113 -19.27 -35.23 18.53
N THR A 114 -19.95 -36.22 19.09
CA THR A 114 -20.70 -37.10 18.22
C THR A 114 -22.10 -36.54 18.10
N VAL A 115 -22.51 -36.26 16.88
CA VAL A 115 -23.82 -35.72 16.62
C VAL A 115 -24.62 -36.63 15.74
N THR A 116 -25.79 -37.05 16.18
CA THR A 116 -26.57 -37.89 15.31
C THR A 116 -27.91 -37.23 15.05
N VAL A 117 -28.46 -37.51 13.89
CA VAL A 117 -29.75 -36.97 13.53
C VAL A 117 -30.69 -38.08 13.13
N SER A 118 -31.85 -38.11 13.75
CA SER A 118 -32.83 -39.16 13.50
C SER A 118 -34.23 -38.74 13.94
N SER A 119 -35.28 -39.50 13.51
CA SER A 119 -36.68 -39.29 13.87
C SER A 119 -36.93 -39.60 15.37
N ASP B 1 -12.15 -22.86 -5.68
CA ASP B 1 -11.46 -23.51 -4.57
C ASP B 1 -10.61 -24.69 -5.10
N ILE B 2 -9.31 -24.71 -4.70
CA ILE B 2 -8.35 -25.77 -5.08
C ILE B 2 -8.59 -27.03 -4.26
N GLN B 3 -8.71 -28.15 -4.96
CA GLN B 3 -8.98 -29.43 -4.33
C GLN B 3 -7.76 -30.32 -4.27
N MET B 4 -7.73 -31.23 -3.31
CA MET B 4 -6.66 -32.23 -3.29
C MET B 4 -7.14 -33.61 -3.63
N THR B 5 -6.40 -34.29 -4.49
CA THR B 5 -6.68 -35.67 -4.85
C THR B 5 -5.58 -36.58 -4.35
N GLN B 6 -5.96 -37.54 -3.51
CA GLN B 6 -4.98 -38.46 -2.95
C GLN B 6 -4.88 -39.73 -3.79
N SER B 7 -3.74 -40.41 -3.73
CA SER B 7 -3.56 -41.69 -4.40
C SER B 7 -2.41 -42.52 -3.82
N PRO B 8 -2.56 -43.84 -3.68
CA PRO B 8 -3.68 -44.73 -3.96
C PRO B 8 -4.73 -44.59 -2.88
N ALA B 9 -5.94 -45.08 -3.12
CA ALA B 9 -6.96 -45.06 -2.07
C ALA B 9 -6.53 -45.87 -0.84
N SER B 10 -5.80 -46.95 -1.07
CA SER B 10 -5.36 -47.79 0.02
C SER B 10 -3.97 -48.32 -0.24
N LEU B 11 -3.29 -48.62 0.85
CA LEU B 11 -1.94 -49.14 0.84
C LEU B 11 -1.86 -50.42 1.64
N SER B 12 -0.95 -51.30 1.25
CA SER B 12 -0.76 -52.53 2.01
C SER B 12 0.72 -52.76 2.17
N ALA B 13 1.17 -52.88 3.41
CA ALA B 13 2.60 -53.02 3.67
C ALA B 13 2.86 -53.83 4.92
N SER B 14 4.04 -54.40 5.00
CA SER B 14 4.43 -55.10 6.20
C SER B 14 5.06 -54.14 7.18
N VAL B 15 5.14 -54.57 8.42
CA VAL B 15 5.82 -53.75 9.39
C VAL B 15 7.30 -53.85 9.03
N GLY B 16 7.95 -52.70 8.95
CA GLY B 16 9.35 -52.58 8.58
C GLY B 16 9.55 -52.14 7.12
N GLU B 17 8.49 -52.16 6.31
CA GLU B 17 8.56 -51.72 4.91
C GLU B 17 8.39 -50.22 4.73
N THR B 18 8.86 -49.72 3.59
CA THR B 18 8.70 -48.30 3.26
C THR B 18 7.58 -48.10 2.26
N VAL B 19 6.72 -47.12 2.54
CA VAL B 19 5.63 -46.77 1.63
C VAL B 19 5.58 -45.30 1.30
N THR B 20 4.90 -44.98 0.21
CA THR B 20 4.68 -43.59 -0.12
C THR B 20 3.23 -43.31 -0.42
N ILE B 21 2.83 -42.07 -0.15
CA ILE B 21 1.49 -41.56 -0.42
C ILE B 21 1.59 -40.31 -1.27
N THR B 22 0.85 -40.23 -2.37
CA THR B 22 0.94 -39.04 -3.21
C THR B 22 -0.37 -38.24 -3.19
N CYS B 23 -0.27 -36.90 -3.11
CA CYS B 23 -1.41 -35.98 -3.21
C CYS B 23 -1.10 -34.88 -4.21
N ARG B 24 -2.08 -34.57 -5.03
CA ARG B 24 -1.89 -33.51 -5.98
C ARG B 24 -3.06 -32.57 -6.01
N ALA B 25 -2.73 -31.32 -6.18
CA ALA B 25 -3.65 -30.24 -6.23
C ALA B 25 -4.23 -30.01 -7.61
N SER B 26 -5.44 -29.46 -7.61
CA SER B 26 -6.15 -29.02 -8.81
C SER B 26 -5.63 -27.66 -9.29
N GLY B 27 -4.69 -27.08 -8.55
CA GLY B 27 -4.08 -25.80 -8.86
C GLY B 27 -2.76 -25.72 -8.10
N ASN B 28 -2.01 -24.63 -8.27
CA ASN B 28 -0.69 -24.47 -7.65
C ASN B 28 -0.84 -24.03 -6.21
N ILE B 29 -0.35 -24.82 -5.26
CA ILE B 29 -0.53 -24.47 -3.87
C ILE B 29 0.79 -24.15 -3.22
N HIS B 30 1.80 -23.97 -4.05
CA HIS B 30 3.12 -23.62 -3.61
C HIS B 30 3.59 -24.55 -2.50
N ASN B 31 3.91 -24.00 -1.33
CA ASN B 31 4.42 -24.78 -0.21
C ASN B 31 3.45 -24.93 0.96
N TYR B 32 2.15 -24.73 0.76
CA TYR B 32 1.26 -24.82 1.92
C TYR B 32 0.25 -25.95 1.83
N LEU B 33 0.69 -27.06 2.39
CA LEU B 33 0.03 -28.36 2.42
C LEU B 33 0.39 -29.03 3.75
N ALA B 34 -0.55 -29.68 4.40
CA ALA B 34 -0.15 -30.41 5.60
C ALA B 34 -0.63 -31.84 5.55
N TRP B 35 0.15 -32.73 6.16
CA TRP B 35 -0.19 -34.14 6.21
C TRP B 35 -0.57 -34.52 7.62
N TYR B 36 -1.70 -35.22 7.72
CA TYR B 36 -2.25 -35.67 9.00
C TYR B 36 -2.49 -37.17 9.04
N GLN B 37 -2.45 -37.75 10.24
CA GLN B 37 -2.76 -39.17 10.37
C GLN B 37 -3.65 -39.54 11.54
N GLN B 38 -4.67 -40.34 11.22
CA GLN B 38 -5.71 -40.77 12.14
C GLN B 38 -5.67 -42.24 12.53
N LYS B 39 -5.70 -42.44 13.83
CA LYS B 39 -5.78 -43.77 14.42
C LYS B 39 -7.25 -44.04 14.65
N GLN B 40 -7.65 -45.30 14.67
CA GLN B 40 -9.06 -45.56 14.86
C GLN B 40 -9.56 -45.06 16.20
N GLY B 41 -10.64 -44.27 16.17
CA GLY B 41 -11.27 -43.77 17.38
C GLY B 41 -10.64 -42.51 17.95
N LYS B 42 -9.67 -41.94 17.25
CA LYS B 42 -8.95 -40.75 17.72
C LYS B 42 -8.96 -39.63 16.68
N SER B 43 -8.74 -38.39 17.12
CA SER B 43 -8.61 -37.30 16.16
C SER B 43 -7.24 -37.53 15.51
N PRO B 44 -7.00 -37.06 14.27
CA PRO B 44 -5.73 -37.11 13.58
C PRO B 44 -4.69 -36.20 14.15
N GLN B 45 -3.43 -36.60 14.03
CA GLN B 45 -2.32 -35.78 14.46
C GLN B 45 -1.57 -35.19 13.29
N LEU B 46 -0.86 -34.09 13.53
CA LEU B 46 -0.05 -33.49 12.47
C LEU B 46 1.28 -34.17 12.31
N LEU B 47 1.61 -34.50 11.07
CA LEU B 47 2.89 -35.10 10.80
C LEU B 47 3.82 -34.07 10.15
N VAL B 48 3.35 -33.52 9.03
CA VAL B 48 4.16 -32.62 8.19
C VAL B 48 3.48 -31.29 7.89
N TYR B 49 4.21 -30.20 8.04
CA TYR B 49 3.65 -28.87 7.75
C TYR B 49 4.53 -28.08 6.77
N ASN B 50 3.88 -27.11 6.10
CA ASN B 50 4.49 -26.28 5.05
C ASN B 50 4.99 -27.22 3.97
N ALA B 51 4.22 -28.29 3.79
CA ALA B 51 4.38 -29.37 2.88
C ALA B 51 5.71 -30.12 2.99
N LYS B 52 6.54 -29.84 4.02
CA LYS B 52 7.86 -30.46 4.04
C LYS B 52 8.47 -30.84 5.40
N THR B 53 8.16 -30.12 6.49
CA THR B 53 8.94 -30.39 7.70
C THR B 53 8.12 -31.07 8.77
N LEU B 54 8.78 -31.67 9.74
CA LEU B 54 8.05 -32.40 10.75
C LEU B 54 7.65 -31.53 11.92
N ALA B 55 6.49 -31.83 12.47
CA ALA B 55 5.95 -31.18 13.66
C ALA B 55 6.67 -31.68 14.90
N ASP B 56 6.68 -30.86 15.94
CA ASP B 56 7.34 -31.29 17.15
C ASP B 56 6.73 -32.60 17.66
N GLY B 57 7.60 -33.52 18.05
CA GLY B 57 7.19 -34.82 18.60
C GLY B 57 7.05 -35.90 17.54
N VAL B 58 7.16 -35.53 16.29
CA VAL B 58 7.03 -36.44 15.18
C VAL B 58 8.34 -37.21 14.91
N PRO B 59 8.32 -38.55 14.79
CA PRO B 59 9.45 -39.41 14.51
C PRO B 59 10.21 -39.03 13.25
N SER B 60 11.52 -39.21 13.29
CA SER B 60 12.47 -38.90 12.21
C SER B 60 12.49 -39.90 11.05
N ARG B 61 11.80 -41.03 11.24
CA ARG B 61 11.74 -42.11 10.26
C ARG B 61 10.98 -41.77 8.97
N PHE B 62 10.29 -40.64 8.95
CA PHE B 62 9.60 -40.28 7.75
C PHE B 62 9.67 -38.79 7.47
N SER B 63 9.43 -38.45 6.22
CA SER B 63 9.39 -37.06 5.77
C SER B 63 8.57 -36.93 4.52
N GLY B 64 8.78 -35.86 3.77
CA GLY B 64 8.06 -35.63 2.53
C GLY B 64 8.71 -34.54 1.71
N SER B 65 8.24 -34.41 0.48
CA SER B 65 8.80 -33.46 -0.47
C SER B 65 7.86 -33.18 -1.63
N GLY B 66 8.22 -32.19 -2.44
CA GLY B 66 7.47 -31.86 -3.65
C GLY B 66 7.47 -30.38 -3.90
N SER B 67 6.67 -29.96 -4.87
CA SER B 67 6.58 -28.55 -5.25
C SER B 67 5.35 -28.31 -6.10
N GLY B 68 4.96 -27.04 -6.24
CA GLY B 68 3.90 -26.75 -7.21
C GLY B 68 2.58 -27.41 -6.86
N THR B 69 2.13 -28.26 -7.74
CA THR B 69 0.88 -28.97 -7.59
C THR B 69 1.02 -30.36 -6.97
N GLN B 70 2.23 -30.93 -6.86
CA GLN B 70 2.28 -32.31 -6.35
C GLN B 70 3.32 -32.57 -5.29
N TYR B 71 2.85 -33.24 -4.24
CA TYR B 71 3.61 -33.64 -3.07
C TYR B 71 3.44 -35.08 -2.64
N SER B 72 4.46 -35.60 -1.96
CA SER B 72 4.33 -36.94 -1.41
C SER B 72 4.96 -37.10 -0.03
N LEU B 73 4.45 -38.09 0.67
CA LEU B 73 4.92 -38.47 1.99
C LEU B 73 5.62 -39.80 1.86
N LYS B 74 6.77 -39.96 2.51
CA LYS B 74 7.50 -41.22 2.46
C LYS B 74 7.86 -41.71 3.85
N ILE B 75 7.36 -42.89 4.20
CA ILE B 75 7.56 -43.42 5.53
C ILE B 75 8.36 -44.70 5.55
N ASN B 76 9.55 -44.64 6.17
CA ASN B 76 10.43 -45.79 6.21
C ASN B 76 10.20 -46.60 7.45
N SER B 77 10.55 -47.87 7.39
CA SER B 77 10.48 -48.71 8.56
C SER B 77 9.14 -48.61 9.26
N LEU B 78 8.04 -48.79 8.52
CA LEU B 78 6.74 -48.65 9.14
C LEU B 78 6.59 -49.46 10.39
N GLN B 79 6.11 -48.81 11.43
CA GLN B 79 5.87 -49.44 12.72
C GLN B 79 4.38 -49.71 12.79
N PRO B 80 3.88 -50.64 13.61
CA PRO B 80 2.45 -50.94 13.71
C PRO B 80 1.60 -49.68 13.92
N GLU B 81 2.13 -48.70 14.63
CA GLU B 81 1.43 -47.46 14.94
C GLU B 81 1.29 -46.53 13.75
N ASP B 82 2.04 -46.79 12.69
CA ASP B 82 2.04 -45.96 11.50
C ASP B 82 0.95 -46.39 10.55
N PHE B 83 0.28 -47.49 10.85
CA PHE B 83 -0.75 -47.98 9.96
C PHE B 83 -2.05 -47.33 10.39
N GLY B 84 -2.67 -46.61 9.46
CA GLY B 84 -3.88 -45.85 9.75
C GLY B 84 -4.32 -45.03 8.54
N SER B 85 -5.19 -44.06 8.78
CA SER B 85 -5.72 -43.26 7.69
C SER B 85 -4.95 -41.95 7.56
N TYR B 86 -4.53 -41.62 6.35
CA TYR B 86 -3.76 -40.41 6.09
C TYR B 86 -4.55 -39.37 5.34
N TYR B 87 -4.35 -38.09 5.68
CA TYR B 87 -5.06 -37.02 5.00
C TYR B 87 -4.15 -35.86 4.54
N CYS B 88 -4.48 -35.25 3.37
CA CYS B 88 -3.81 -34.07 2.80
C CYS B 88 -4.71 -32.84 2.90
N GLN B 89 -4.20 -31.81 3.56
CA GLN B 89 -4.96 -30.58 3.74
C GLN B 89 -4.37 -29.41 2.99
N HIS B 90 -5.21 -28.75 2.22
CA HIS B 90 -4.84 -27.62 1.38
C HIS B 90 -4.89 -26.28 2.07
N PHE B 91 -3.78 -25.53 2.06
CA PHE B 91 -3.77 -24.21 2.68
C PHE B 91 -3.55 -22.97 1.82
N TRP B 92 -3.32 -23.11 0.53
CA TRP B 92 -3.01 -21.93 -0.27
C TRP B 92 -4.12 -20.89 -0.27
N SER B 93 -5.36 -21.34 -0.35
CA SER B 93 -6.51 -20.45 -0.38
C SER B 93 -7.68 -21.07 0.36
N ALA B 94 -8.19 -20.35 1.37
CA ALA B 94 -9.28 -20.84 2.21
C ALA B 94 -10.54 -21.04 1.36
N PRO B 95 -11.42 -22.01 1.68
CA PRO B 95 -11.50 -22.94 2.80
C PRO B 95 -10.41 -23.97 2.78
N TYR B 96 -10.00 -24.39 3.95
CA TYR B 96 -8.91 -25.33 4.08
C TYR B 96 -9.39 -26.77 3.97
N THR B 97 -9.71 -27.15 2.75
CA THR B 97 -10.29 -28.45 2.48
C THR B 97 -9.26 -29.56 2.47
N PHE B 98 -9.78 -30.78 2.51
CA PHE B 98 -8.99 -31.98 2.54
C PHE B 98 -9.30 -32.88 1.38
N GLY B 99 -8.32 -33.70 1.01
CA GLY B 99 -8.58 -34.74 0.03
C GLY B 99 -9.31 -35.80 0.82
N GLY B 100 -9.67 -36.92 0.22
CA GLY B 100 -10.48 -37.89 0.98
C GLY B 100 -9.67 -38.82 1.90
N GLY B 101 -8.36 -38.74 1.79
CA GLY B 101 -7.45 -39.56 2.54
C GLY B 101 -7.19 -40.94 1.97
N THR B 102 -6.21 -41.62 2.55
CA THR B 102 -5.86 -42.97 2.10
C THR B 102 -5.82 -43.91 3.28
N ASN B 103 -5.97 -45.20 3.02
CA ASN B 103 -5.97 -46.18 4.10
C ASN B 103 -4.87 -47.23 4.02
N LEU B 104 -3.92 -47.16 4.95
CA LEU B 104 -2.78 -48.07 5.03
C LEU B 104 -3.03 -49.19 6.04
N GLU B 105 -2.88 -50.44 5.58
CA GLU B 105 -3.13 -51.63 6.39
C GLU B 105 -1.93 -52.58 6.35
N ILE B 106 -1.81 -53.42 7.39
CA ILE B 106 -0.69 -54.37 7.49
C ILE B 106 -0.98 -55.66 6.69
N LYS B 107 -0.03 -56.07 5.79
CA LYS B 107 -0.08 -57.31 4.97
C LYS B 107 -0.38 -58.54 5.84
N GLU C 8 -7.42 -3.79 -19.07
CA GLU C 8 -7.60 -3.84 -17.63
C GLU C 8 -6.52 -4.68 -16.96
N ASP C 9 -5.31 -4.14 -16.81
CA ASP C 9 -4.20 -4.97 -16.31
C ASP C 9 -4.43 -5.60 -14.94
N ILE C 10 -4.80 -4.76 -13.96
CA ILE C 10 -5.01 -5.18 -12.58
C ILE C 10 -6.14 -4.38 -12.02
N ILE C 11 -6.59 -3.46 -12.85
CA ILE C 11 -7.46 -2.37 -12.43
C ILE C 11 -8.82 -2.76 -11.88
N ARG C 12 -9.42 -3.85 -12.34
CA ARG C 12 -10.71 -4.18 -11.76
C ARG C 12 -10.48 -5.10 -10.59
N ALA C 13 -9.54 -6.02 -10.77
CA ALA C 13 -9.31 -7.05 -9.78
C ALA C 13 -8.95 -6.49 -8.42
N LEU C 14 -8.18 -5.41 -8.42
CA LEU C 14 -7.77 -4.80 -7.19
C LEU C 14 -8.56 -3.57 -6.78
N ALA C 15 -9.54 -3.16 -7.60
CA ALA C 15 -10.31 -1.97 -7.27
C ALA C 15 -11.63 -2.38 -6.66
N SER C 16 -12.09 -3.57 -7.01
CA SER C 16 -13.36 -4.05 -6.50
C SER C 16 -13.55 -3.83 -4.98
N PRO C 17 -12.64 -4.28 -4.06
CA PRO C 17 -12.80 -4.12 -2.62
C PRO C 17 -12.69 -2.65 -2.15
N LEU C 18 -12.12 -1.78 -2.97
CA LEU C 18 -12.00 -0.39 -2.56
C LEU C 18 -13.34 0.25 -2.80
N ILE C 19 -14.02 -0.24 -3.83
CA ILE C 19 -15.31 0.31 -4.15
C ILE C 19 -16.34 -0.32 -3.21
N LYS C 20 -16.32 -1.64 -3.06
CA LYS C 20 -17.30 -2.31 -2.23
C LYS C 20 -17.31 -1.87 -0.77
N ASP C 21 -16.14 -1.58 -0.19
CA ASP C 21 -16.14 -1.17 1.21
C ASP C 21 -16.18 0.34 1.41
N GLY C 22 -16.38 1.09 0.32
CA GLY C 22 -16.48 2.54 0.43
C GLY C 22 -15.18 3.32 0.58
N MET C 23 -14.05 2.80 0.09
CA MET C 23 -12.80 3.54 0.23
C MET C 23 -12.71 4.56 -0.88
N VAL C 24 -13.28 4.22 -2.04
CA VAL C 24 -13.24 5.10 -3.21
C VAL C 24 -14.60 5.20 -3.90
N ASP C 25 -14.78 6.21 -4.75
CA ASP C 25 -15.95 6.29 -5.61
C ASP C 25 -15.97 5.16 -6.65
N GLU C 26 -17.16 4.87 -7.15
CA GLU C 26 -17.40 3.77 -8.07
C GLU C 26 -16.69 3.89 -9.41
N ASP C 27 -16.29 5.11 -9.80
CA ASP C 27 -15.61 5.34 -11.06
C ASP C 27 -14.10 5.57 -10.87
N PHE C 28 -13.61 5.10 -9.72
CA PHE C 28 -12.20 5.13 -9.37
C PHE C 28 -11.37 4.46 -10.43
N ALA C 29 -11.76 3.27 -10.84
CA ALA C 29 -10.94 2.55 -11.79
C ALA C 29 -10.70 3.35 -13.06
N GLU C 30 -11.72 4.03 -13.59
CA GLU C 30 -11.50 4.77 -14.82
C GLU C 30 -10.58 5.96 -14.61
N LYS C 31 -10.73 6.65 -13.48
CA LYS C 31 -9.87 7.81 -13.22
C LYS C 31 -8.42 7.37 -13.05
N VAL C 32 -8.23 6.21 -12.43
CA VAL C 32 -6.89 5.68 -12.23
C VAL C 32 -6.27 5.32 -13.57
N ILE C 33 -7.03 4.70 -14.47
CA ILE C 33 -6.48 4.32 -15.77
C ILE C 33 -6.00 5.53 -16.54
N GLU C 34 -6.79 6.59 -16.58
CA GLU C 34 -6.34 7.75 -17.32
C GLU C 34 -5.09 8.36 -16.68
N ASN C 35 -5.04 8.38 -15.35
CA ASN C 35 -3.87 8.99 -14.73
C ASN C 35 -2.65 8.09 -14.92
N GLU C 36 -2.82 6.76 -14.98
CA GLU C 36 -1.71 5.81 -15.22
C GLU C 36 -1.11 6.04 -16.59
N SER C 37 -1.94 6.37 -17.57
CA SER C 37 -1.42 6.61 -18.90
C SER C 37 -0.50 7.82 -18.89
N ARG C 38 -0.94 8.90 -18.24
CA ARG C 38 -0.16 10.13 -18.12
C ARG C 38 1.06 10.02 -17.20
N TYR C 39 0.90 9.27 -16.12
CA TYR C 39 1.87 9.08 -15.05
C TYR C 39 2.10 7.60 -14.80
N PRO C 40 2.96 6.93 -15.58
CA PRO C 40 3.18 5.52 -15.60
C PRO C 40 3.47 4.99 -14.21
N SER C 41 2.99 3.78 -13.95
CA SER C 41 3.16 3.15 -12.66
C SER C 41 4.31 2.15 -12.53
N GLY C 42 4.94 1.68 -13.63
CA GLY C 42 5.93 0.62 -13.50
C GLY C 42 7.23 1.09 -12.89
N LEU C 43 7.89 0.24 -12.14
CA LEU C 43 9.17 0.59 -11.58
C LEU C 43 10.01 -0.66 -11.39
N GLN C 44 11.21 -0.66 -11.96
CA GLN C 44 12.03 -1.85 -11.87
C GLN C 44 12.98 -1.88 -10.70
N ALA C 45 12.86 -2.91 -9.89
CA ALA C 45 13.72 -3.14 -8.75
C ALA C 45 14.81 -4.11 -9.18
N LYS C 46 15.83 -4.30 -8.36
CA LYS C 46 16.88 -5.26 -8.72
C LYS C 46 16.34 -6.69 -8.94
N GLY C 47 15.16 -6.97 -8.39
CA GLY C 47 14.45 -8.24 -8.47
C GLY C 47 13.35 -8.19 -9.56
N VAL C 48 12.16 -7.73 -9.17
CA VAL C 48 10.96 -7.71 -10.02
C VAL C 48 10.38 -6.32 -10.12
N GLY C 49 9.44 -6.10 -11.04
CA GLY C 49 8.84 -4.79 -10.99
C GLY C 49 7.82 -4.69 -9.84
N PHE C 50 7.77 -3.49 -9.26
CA PHE C 50 6.85 -3.07 -8.20
C PHE C 50 6.11 -1.84 -8.71
N ALA C 51 4.82 -1.94 -8.97
CA ALA C 51 4.15 -0.78 -9.57
C ALA C 51 3.30 -0.02 -8.56
N ILE C 52 3.20 1.30 -8.73
CA ILE C 52 2.36 2.05 -7.82
C ILE C 52 1.35 3.02 -8.48
N PRO C 53 0.18 2.55 -8.98
CA PRO C 53 -0.89 3.36 -9.54
C PRO C 53 -1.50 4.28 -8.48
N HIS C 54 -1.82 5.51 -8.85
CA HIS C 54 -2.46 6.45 -7.91
C HIS C 54 -3.04 7.65 -8.64
N VAL C 55 -3.96 8.40 -7.98
CA VAL C 55 -4.46 9.69 -8.52
C VAL C 55 -4.35 10.90 -7.57
N LEU C 56 -4.74 10.73 -6.30
CA LEU C 56 -4.85 11.81 -5.29
C LEU C 56 -5.97 12.80 -5.55
N GLY C 57 -7.09 12.32 -6.08
CA GLY C 57 -8.23 13.20 -6.29
C GLY C 57 -9.16 13.20 -5.08
N ASP C 58 -10.28 13.90 -5.19
CA ASP C 58 -11.23 14.02 -4.11
C ASP C 58 -12.34 13.00 -4.15
N TYR C 59 -12.14 12.00 -4.99
CA TYR C 59 -13.07 10.92 -5.13
C TYR C 59 -12.56 9.73 -4.33
N VAL C 60 -11.42 9.92 -3.64
CA VAL C 60 -10.95 8.89 -2.73
C VAL C 60 -11.64 9.26 -1.41
N ARG C 61 -12.34 8.30 -0.81
CA ARG C 61 -13.12 8.59 0.39
C ARG C 61 -12.29 8.39 1.65
N ASP C 62 -11.42 7.38 1.62
CA ASP C 62 -10.55 7.06 2.74
C ASP C 62 -9.29 6.42 2.19
N ASN C 63 -8.24 6.39 2.99
CA ASN C 63 -6.97 5.84 2.54
C ASN C 63 -6.83 4.33 2.70
N ALA C 64 -6.54 3.63 1.59
CA ALA C 64 -6.35 2.17 1.62
C ALA C 64 -5.35 1.67 0.57
N ILE C 65 -4.66 0.57 0.90
CA ILE C 65 -3.70 -0.02 -0.03
C ILE C 65 -4.16 -1.39 -0.53
N SER C 66 -4.30 -1.52 -1.83
CA SER C 66 -4.73 -2.79 -2.44
C SER C 66 -3.53 -3.46 -3.10
N VAL C 67 -3.18 -4.66 -2.65
CA VAL C 67 -1.96 -5.28 -3.15
C VAL C 67 -2.20 -6.55 -3.92
N GLY C 68 -1.75 -6.55 -5.16
CA GLY C 68 -1.89 -7.74 -5.97
C GLY C 68 -0.58 -8.39 -6.27
N ILE C 69 -0.62 -9.71 -6.35
CA ILE C 69 0.54 -10.50 -6.74
C ILE C 69 0.17 -11.18 -8.04
N LEU C 70 1.03 -11.10 -9.03
CA LEU C 70 0.68 -11.70 -10.30
C LEU C 70 1.39 -13.02 -10.53
N ASP C 71 0.66 -13.95 -11.19
CA ASP C 71 1.23 -15.25 -11.59
C ASP C 71 2.39 -15.15 -12.55
N LYS C 72 2.27 -14.20 -13.45
CA LYS C 72 3.28 -13.95 -14.46
C LYS C 72 3.35 -12.44 -14.55
N PRO C 73 4.46 -11.84 -14.89
CA PRO C 73 4.60 -10.41 -14.95
C PRO C 73 3.75 -9.78 -16.01
N VAL C 74 3.33 -8.56 -15.71
CA VAL C 74 2.59 -7.75 -16.66
C VAL C 74 3.55 -6.66 -17.14
N ASN C 75 3.66 -6.48 -18.46
CA ASN C 75 4.57 -5.53 -19.12
C ASN C 75 3.90 -4.18 -19.43
N PHE C 76 4.31 -3.11 -18.69
CA PHE C 76 3.80 -1.72 -18.85
C PHE C 76 4.89 -0.68 -18.59
N SER C 77 4.68 0.55 -19.03
CA SER C 77 5.71 1.60 -18.99
C SER C 77 6.15 2.03 -17.61
N GLU C 78 7.38 2.59 -17.57
CA GLU C 78 8.03 3.01 -16.33
C GLU C 78 7.73 4.44 -15.90
N TRP C 79 7.60 4.55 -14.58
CA TRP C 79 7.32 5.69 -13.69
C TRP C 79 8.25 6.87 -13.92
N TYR C 80 9.41 6.57 -14.46
CA TYR C 80 10.47 7.52 -14.75
C TYR C 80 10.46 8.00 -16.20
N GLN C 81 9.34 7.80 -16.89
CA GLN C 81 9.13 8.21 -18.28
C GLN C 81 10.00 7.47 -19.26
N SER C 82 9.83 6.15 -19.27
CA SER C 82 10.56 5.30 -20.21
C SER C 82 9.63 4.27 -20.83
N PRO C 83 9.68 4.11 -22.17
CA PRO C 83 8.87 3.19 -22.94
C PRO C 83 9.21 1.74 -22.65
N ASP C 84 10.37 1.49 -22.06
CA ASP C 84 10.76 0.13 -21.78
C ASP C 84 9.75 -0.46 -20.79
N PRO C 85 9.03 -1.54 -21.14
CA PRO C 85 8.06 -2.15 -20.27
C PRO C 85 8.75 -2.70 -19.04
N VAL C 86 8.05 -2.68 -17.93
CA VAL C 86 8.54 -3.23 -16.70
C VAL C 86 7.74 -4.49 -16.40
N PRO C 87 8.37 -5.65 -16.19
CA PRO C 87 7.76 -6.93 -15.88
C PRO C 87 7.34 -6.96 -14.41
N VAL C 88 6.22 -6.30 -14.15
CA VAL C 88 5.74 -6.12 -12.79
C VAL C 88 5.06 -7.36 -12.22
N ARG C 89 5.49 -7.74 -11.01
CA ARG C 89 4.90 -8.90 -10.33
C ARG C 89 4.04 -8.45 -9.18
N VAL C 90 4.39 -7.33 -8.58
CA VAL C 90 3.59 -6.84 -7.46
C VAL C 90 3.11 -5.45 -7.74
N VAL C 91 1.83 -5.27 -7.49
CA VAL C 91 1.21 -3.99 -7.71
C VAL C 91 0.57 -3.44 -6.43
N PHE C 92 0.83 -2.17 -6.15
CA PHE C 92 0.29 -1.51 -4.97
C PHE C 92 -0.62 -0.41 -5.39
N MET C 93 -1.90 -0.67 -5.44
CA MET C 93 -2.80 0.36 -5.92
C MET C 93 -3.08 1.24 -4.74
N LEU C 94 -2.79 2.53 -4.88
CA LEU C 94 -2.95 3.38 -3.72
C LEU C 94 -4.14 4.30 -3.77
N ALA C 95 -5.12 4.01 -2.94
CA ALA C 95 -6.32 4.79 -2.84
C ALA C 95 -6.02 5.87 -1.86
N ILE C 96 -5.23 6.85 -2.27
CA ILE C 96 -4.81 7.88 -1.33
C ILE C 96 -5.30 9.24 -1.72
N ARG C 97 -5.86 9.94 -0.73
CA ARG C 97 -6.44 11.26 -0.88
C ARG C 97 -5.49 12.44 -1.12
N THR C 98 -4.33 12.46 -0.48
CA THR C 98 -3.43 13.60 -0.66
C THR C 98 -1.97 13.27 -0.84
N TRP C 99 -1.22 14.32 -1.11
CA TRP C 99 0.20 14.25 -1.36
C TRP C 99 1.01 13.75 -0.18
N ASP C 100 0.87 14.35 0.99
CA ASP C 100 1.74 13.91 2.08
C ASP C 100 1.51 12.43 2.41
N ASP C 101 0.27 11.97 2.32
CA ASP C 101 0.02 10.59 2.67
C ASP C 101 0.61 9.68 1.62
N ILE C 102 0.54 10.06 0.34
CA ILE C 102 1.11 9.16 -0.65
C ILE C 102 2.62 9.15 -0.60
N THR C 103 3.27 10.28 -0.30
CA THR C 103 4.72 10.22 -0.23
C THR C 103 5.12 9.37 0.97
N ASN C 104 4.35 9.40 2.06
CA ASN C 104 4.71 8.57 3.19
C ASN C 104 4.58 7.10 2.80
N VAL C 105 3.55 6.76 2.02
CA VAL C 105 3.39 5.39 1.57
C VAL C 105 4.47 5.00 0.60
N MET C 106 4.80 5.85 -0.37
CA MET C 106 5.84 5.48 -1.31
C MET C 106 7.18 5.30 -0.62
N ASN C 107 7.47 6.12 0.40
CA ASN C 107 8.73 5.97 1.12
C ASN C 107 8.74 4.60 1.81
N TRP C 108 7.60 4.24 2.40
CA TRP C 108 7.43 2.95 3.03
C TRP C 108 7.56 1.83 1.99
N ILE C 109 6.95 1.99 0.81
CA ILE C 109 7.07 0.97 -0.20
C ILE C 109 8.54 0.83 -0.55
N LYS C 110 9.30 1.90 -0.72
CA LYS C 110 10.73 1.72 -1.01
C LYS C 110 11.40 0.79 -0.02
N ASP C 111 11.11 0.95 1.29
CA ASP C 111 11.71 0.02 2.25
C ASP C 111 11.28 -1.43 1.95
N VAL C 112 10.04 -1.61 1.48
CA VAL C 112 9.52 -2.93 1.11
C VAL C 112 10.23 -3.46 -0.15
N VAL C 113 10.40 -2.60 -1.15
CA VAL C 113 11.00 -2.93 -2.44
C VAL C 113 12.41 -3.41 -2.29
N LEU C 114 13.15 -2.77 -1.42
CA LEU C 114 14.53 -3.09 -1.15
C LEU C 114 14.70 -4.36 -0.31
N ASP C 115 13.62 -4.91 0.24
CA ASP C 115 13.72 -6.11 1.03
C ASP C 115 13.52 -7.28 0.08
N GLU C 116 14.63 -7.74 -0.50
CA GLU C 116 14.57 -8.76 -1.53
C GLU C 116 14.12 -10.08 -0.96
N GLU C 117 14.49 -10.39 0.29
CA GLU C 117 14.09 -11.67 0.85
C GLU C 117 12.59 -11.68 1.01
N PHE C 118 12.03 -10.54 1.42
CA PHE C 118 10.59 -10.42 1.53
C PHE C 118 9.94 -10.64 0.21
N MET C 119 10.43 -10.00 -0.86
CA MET C 119 9.78 -10.19 -2.14
C MET C 119 9.85 -11.63 -2.64
N LYS C 120 10.99 -12.29 -2.46
CA LYS C 120 11.08 -13.67 -2.92
C LYS C 120 10.03 -14.50 -2.22
N ARG C 121 9.82 -14.23 -0.93
CA ARG C 121 8.78 -14.93 -0.21
C ARG C 121 7.41 -14.48 -0.72
N LEU C 122 7.23 -13.17 -0.97
CA LEU C 122 5.94 -12.59 -1.29
C LEU C 122 5.33 -13.20 -2.53
N LEU C 123 6.17 -13.51 -3.51
CA LEU C 123 5.70 -14.12 -4.74
C LEU C 123 5.09 -15.50 -4.49
N ASN C 124 5.46 -16.13 -3.37
CA ASN C 124 5.02 -17.45 -3.00
C ASN C 124 4.15 -17.48 -1.73
N MET C 125 3.67 -16.32 -1.26
CA MET C 125 2.84 -16.28 -0.07
C MET C 125 1.37 -16.45 -0.37
N SER C 126 0.68 -17.11 0.53
CA SER C 126 -0.76 -17.30 0.50
C SER C 126 -1.45 -16.01 0.86
N ASP C 127 -2.73 -15.85 0.56
CA ASP C 127 -3.36 -14.57 0.92
C ASP C 127 -3.29 -14.27 2.40
N GLU C 128 -3.39 -15.30 3.23
CA GLU C 128 -3.34 -15.08 4.67
C GLU C 128 -1.94 -14.66 5.10
N GLU C 129 -0.91 -15.28 4.52
CA GLU C 129 0.48 -14.94 4.85
C GLU C 129 0.84 -13.55 4.32
N ILE C 130 0.31 -13.21 3.14
CA ILE C 130 0.59 -11.90 2.54
C ILE C 130 0.00 -10.87 3.44
N TYR C 131 -1.25 -11.08 3.85
CA TYR C 131 -1.89 -10.16 4.73
C TYR C 131 -1.09 -9.97 5.98
N ARG C 132 -0.71 -11.05 6.65
CA ARG C 132 -0.02 -10.86 7.89
C ARG C 132 1.32 -10.14 7.76
N GLN C 133 2.12 -10.44 6.73
CA GLN C 133 3.39 -9.73 6.67
C GLN C 133 3.22 -8.27 6.23
N ILE C 134 2.28 -7.97 5.32
CA ILE C 134 2.11 -6.57 4.92
C ILE C 134 1.49 -5.81 6.06
N TYR C 135 0.46 -6.38 6.67
CA TYR C 135 -0.22 -5.77 7.79
C TYR C 135 0.79 -5.36 8.83
N THR C 136 1.69 -6.30 9.17
CA THR C 136 2.71 -6.01 10.15
C THR C 136 3.57 -4.85 9.68
N ARG C 137 4.03 -4.86 8.45
CA ARG C 137 4.90 -3.77 7.99
C ARG C 137 4.22 -2.40 8.02
N ILE C 138 2.92 -2.33 7.68
CA ILE C 138 2.23 -1.04 7.68
C ILE C 138 2.11 -0.51 9.10
N SER C 139 1.71 -1.38 10.04
CA SER C 139 1.52 -0.96 11.43
C SER C 139 2.82 -0.84 12.23
N LYS C 140 3.85 -1.62 11.86
CA LYS C 140 5.14 -1.59 12.52
C LYS C 140 5.83 -0.27 12.24
N ALA C 141 5.70 0.22 11.02
CA ALA C 141 6.29 1.47 10.64
C ALA C 141 5.73 2.58 11.53
N PRO C 142 6.52 3.62 11.89
CA PRO C 142 6.10 4.76 12.70
C PRO C 142 5.11 5.66 11.93
N ASN C 143 5.07 5.47 10.63
CA ASN C 143 4.28 6.23 9.70
C ASN C 143 3.04 5.41 9.32
N LEU C 144 2.21 6.00 8.47
CA LEU C 144 1.02 5.39 7.87
C LEU C 144 -0.13 5.07 8.80
N SER C 145 -0.15 5.68 9.96
CA SER C 145 -1.27 5.48 10.84
C SER C 145 -2.48 6.00 10.10
N GLY C 146 -3.59 5.29 10.20
CA GLY C 146 -4.81 5.70 9.53
C GLY C 146 -5.10 4.98 8.21
N ILE C 147 -4.15 4.21 7.67
CA ILE C 147 -4.45 3.49 6.43
C ILE C 147 -5.21 2.19 6.68
N ASN C 148 -6.29 2.01 5.93
CA ASN C 148 -7.12 0.84 6.06
C ASN C 148 -6.60 -0.32 5.22
N PHE C 149 -6.11 -1.35 5.89
CA PHE C 149 -5.59 -2.52 5.22
C PHE C 149 -6.23 -3.74 5.86
N SER C 150 -6.72 -4.62 5.03
CA SER C 150 -7.42 -5.81 5.48
C SER C 150 -7.18 -6.96 4.50
N ARG C 151 -7.71 -8.12 4.85
CA ARG C 151 -7.59 -9.32 4.04
C ARG C 151 -8.23 -9.14 2.67
N GLU C 152 -9.26 -8.32 2.58
CA GLU C 152 -9.97 -8.05 1.34
C GLU C 152 -9.12 -7.32 0.31
N TYR C 153 -8.01 -6.73 0.75
CA TYR C 153 -7.14 -5.97 -0.11
C TYR C 153 -5.91 -6.77 -0.51
N VAL C 154 -5.93 -8.07 -0.22
CA VAL C 154 -4.85 -8.95 -0.60
C VAL C 154 -5.31 -9.94 -1.65
N ARG C 155 -4.69 -9.89 -2.83
CA ARG C 155 -5.16 -10.79 -3.88
C ARG C 155 -4.11 -11.37 -4.84
N HIS C 156 -4.31 -12.63 -5.23
CA HIS C 156 -3.51 -13.22 -6.31
C HIS C 156 -4.26 -13.02 -7.62
N LEU C 157 -3.54 -12.57 -8.61
CA LEU C 157 -4.08 -12.28 -9.91
C LEU C 157 -3.76 -13.39 -10.90
N ASN C 158 -4.83 -14.01 -11.39
CA ASN C 158 -4.75 -15.16 -12.28
C ASN C 158 -4.29 -14.71 -13.67
N GLY C 159 -3.08 -15.18 -14.07
CA GLY C 159 -2.42 -14.82 -15.31
C GLY C 159 -1.89 -13.39 -15.27
N GLU D 1 0.59 28.45 -22.30
CA GLU D 1 -0.47 27.44 -22.26
C GLU D 1 -1.65 27.83 -21.34
N VAL D 2 -1.35 28.47 -20.19
CA VAL D 2 -2.32 28.89 -19.17
C VAL D 2 -2.14 30.35 -18.82
N GLN D 3 -3.16 30.91 -18.18
CA GLN D 3 -3.09 32.28 -17.73
C GLN D 3 -3.42 32.37 -16.26
N LEU D 4 -2.79 33.32 -15.59
CA LEU D 4 -3.06 33.58 -14.19
C LEU D 4 -2.84 35.08 -13.99
N VAL D 5 -3.89 35.79 -13.57
CA VAL D 5 -3.80 37.25 -13.44
C VAL D 5 -4.24 37.84 -12.11
N GLU D 6 -3.30 38.53 -11.47
CA GLU D 6 -3.52 39.16 -10.18
C GLU D 6 -4.10 40.57 -10.32
N SER D 7 -4.86 40.98 -9.32
CA SER D 7 -5.40 42.34 -9.19
C SER D 7 -5.72 42.63 -7.73
N GLY D 8 -6.02 43.88 -7.40
CA GLY D 8 -6.41 44.22 -6.03
C GLY D 8 -5.32 44.88 -5.19
N GLY D 9 -4.12 45.00 -5.73
CA GLY D 9 -3.08 45.67 -4.97
C GLY D 9 -3.40 47.15 -4.93
N GLY D 10 -2.88 47.84 -3.93
CA GLY D 10 -3.10 49.28 -3.76
C GLY D 10 -2.45 49.75 -2.46
N LEU D 11 -2.66 51.01 -2.11
CA LEU D 11 -2.04 51.57 -0.90
C LEU D 11 -2.87 51.42 0.37
N VAL D 12 -2.23 50.84 1.39
CA VAL D 12 -2.84 50.61 2.70
C VAL D 12 -2.10 51.35 3.82
N LYS D 13 -2.85 52.07 4.64
CA LYS D 13 -2.27 52.77 5.79
C LYS D 13 -1.82 51.68 6.78
N PRO D 14 -0.67 51.79 7.48
CA PRO D 14 -0.22 50.80 8.43
C PRO D 14 -1.31 50.51 9.43
N GLY D 15 -1.50 49.23 9.70
CA GLY D 15 -2.53 48.73 10.60
C GLY D 15 -3.81 48.36 9.83
N GLY D 16 -3.87 48.74 8.55
CA GLY D 16 -5.04 48.48 7.74
C GLY D 16 -5.07 47.11 7.08
N SER D 17 -6.00 46.94 6.15
CA SER D 17 -6.22 45.66 5.49
C SER D 17 -6.61 45.80 4.03
N LEU D 18 -6.51 44.68 3.32
CA LEU D 18 -6.89 44.60 1.92
C LEU D 18 -7.09 43.17 1.50
N ARG D 19 -7.72 42.98 0.35
CA ARG D 19 -7.86 41.64 -0.20
C ARG D 19 -7.36 41.63 -1.62
N LEU D 20 -6.55 40.62 -1.95
CA LEU D 20 -6.07 40.50 -3.30
C LEU D 20 -6.83 39.41 -3.99
N SER D 21 -6.94 39.55 -5.28
CA SER D 21 -7.66 38.60 -6.12
C SER D 21 -6.83 38.06 -7.27
N CYS D 22 -7.12 36.84 -7.72
CA CYS D 22 -6.47 36.35 -8.91
C CYS D 22 -7.31 35.36 -9.73
N SER D 23 -7.45 35.63 -11.03
CA SER D 23 -8.22 34.74 -11.89
C SER D 23 -7.30 33.73 -12.54
N ALA D 24 -7.87 32.63 -13.02
CA ALA D 24 -7.06 31.63 -13.71
C ALA D 24 -7.80 30.99 -14.87
N SER D 25 -7.04 30.55 -15.87
CA SER D 25 -7.63 29.86 -17.00
C SER D 25 -6.70 28.88 -17.71
N GLY D 26 -7.29 27.91 -18.40
CA GLY D 26 -6.53 26.95 -19.21
C GLY D 26 -6.12 25.68 -18.46
N PHE D 27 -6.65 25.50 -17.27
CA PHE D 27 -6.29 24.33 -16.49
C PHE D 27 -7.34 23.91 -15.49
N ASP D 28 -7.11 22.72 -14.92
CA ASP D 28 -7.93 22.18 -13.85
C ASP D 28 -7.64 22.91 -12.58
N PHE D 29 -8.58 23.72 -12.15
CA PHE D 29 -8.42 24.57 -10.99
C PHE D 29 -8.88 23.87 -9.72
N ASP D 30 -9.49 22.69 -9.87
CA ASP D 30 -10.01 22.01 -8.69
C ASP D 30 -8.91 21.19 -8.07
N ASN D 31 -8.07 20.60 -8.90
CA ASN D 31 -7.00 19.76 -8.40
C ASN D 31 -5.67 20.51 -8.43
N ALA D 32 -5.74 21.81 -8.67
CA ALA D 32 -4.58 22.69 -8.70
C ALA D 32 -4.10 23.02 -7.31
N TRP D 33 -2.82 23.28 -7.19
CA TRP D 33 -2.29 23.82 -5.96
C TRP D 33 -1.88 25.24 -6.26
N MET D 34 -2.32 26.18 -5.44
CA MET D 34 -2.00 27.56 -5.76
C MET D 34 -1.26 28.23 -4.64
N THR D 35 -0.28 29.02 -5.00
CA THR D 35 0.51 29.74 -4.01
C THR D 35 0.69 31.19 -4.27
N TRP D 36 1.07 31.87 -3.19
CA TRP D 36 1.44 33.27 -3.26
C TRP D 36 2.86 33.47 -2.75
N VAL D 37 3.58 34.31 -3.50
CA VAL D 37 4.95 34.72 -3.27
C VAL D 37 5.05 36.24 -3.42
N ARG D 38 5.81 36.91 -2.57
CA ARG D 38 5.91 38.37 -2.73
C ARG D 38 7.34 38.86 -2.87
N GLN D 39 7.51 39.93 -3.64
CA GLN D 39 8.83 40.52 -3.81
C GLN D 39 8.90 42.01 -3.55
N PRO D 40 9.28 42.46 -2.35
CA PRO D 40 9.46 43.86 -2.01
C PRO D 40 10.56 44.34 -2.96
N PRO D 41 10.57 45.58 -3.44
CA PRO D 41 11.62 46.08 -4.28
C PRO D 41 12.94 45.93 -3.57
N GLY D 42 13.96 45.46 -4.29
CA GLY D 42 15.30 45.30 -3.71
C GLY D 42 15.51 43.97 -2.99
N LYS D 43 14.45 43.17 -2.88
CA LYS D 43 14.49 41.89 -2.19
C LYS D 43 14.23 40.74 -3.15
N GLY D 44 14.42 39.52 -2.65
CA GLY D 44 14.17 38.31 -3.43
C GLY D 44 12.74 37.86 -3.27
N LEU D 45 12.46 36.61 -3.59
CA LEU D 45 11.09 36.12 -3.55
C LEU D 45 10.76 35.50 -2.20
N GLU D 46 9.76 36.03 -1.52
CA GLU D 46 9.37 35.50 -0.22
C GLU D 46 8.13 34.64 -0.34
N TRP D 47 8.20 33.38 0.04
CA TRP D 47 7.01 32.56 -0.07
C TRP D 47 6.04 33.00 1.00
N VAL D 48 4.76 33.14 0.66
CA VAL D 48 3.75 33.54 1.63
C VAL D 48 2.92 32.35 2.06
N GLY D 49 2.45 31.57 1.11
CA GLY D 49 1.60 30.44 1.46
C GLY D 49 1.03 29.65 0.28
N ARG D 50 0.42 28.51 0.62
CA ARG D 50 -0.19 27.57 -0.31
C ARG D 50 -1.55 27.03 0.07
N ILE D 51 -2.48 27.03 -0.89
CA ILE D 51 -3.78 26.41 -0.68
C ILE D 51 -3.88 25.11 -1.47
N THR D 52 -4.24 24.05 -0.77
CA THR D 52 -4.29 22.72 -1.39
C THR D 52 -5.63 22.39 -1.96
N GLY D 53 -5.73 21.22 -2.56
CA GLY D 53 -6.97 20.82 -3.21
C GLY D 53 -7.97 20.12 -2.27
N PRO D 54 -9.14 19.75 -2.82
CA PRO D 54 -10.26 19.12 -2.14
C PRO D 54 -9.93 17.72 -1.67
N GLY D 55 -8.90 17.08 -2.26
CA GLY D 55 -8.52 15.74 -1.83
C GLY D 55 -8.02 15.77 -0.39
N GLU D 56 -7.36 16.88 -0.03
CA GLU D 56 -6.83 17.02 1.31
C GLU D 56 -7.83 17.72 2.20
N GLY D 57 -8.65 18.60 1.60
CA GLY D 57 -9.61 19.34 2.38
C GLY D 57 -9.37 20.84 2.47
N TRP D 58 -8.67 21.41 1.47
CA TRP D 58 -8.45 22.86 1.42
C TRP D 58 -7.69 23.46 2.58
N SER D 59 -6.68 22.77 3.06
CA SER D 59 -5.84 23.29 4.11
C SER D 59 -4.96 24.39 3.52
N VAL D 60 -4.47 25.30 4.37
CA VAL D 60 -3.55 26.31 3.86
C VAL D 60 -2.29 26.41 4.70
N ASP D 61 -1.15 26.32 4.04
CA ASP D 61 0.14 26.42 4.69
C ASP D 61 0.76 27.79 4.52
N TYR D 62 1.21 28.38 5.62
CA TYR D 62 1.84 29.70 5.57
C TYR D 62 3.27 29.76 6.02
N ALA D 63 4.00 30.71 5.45
CA ALA D 63 5.33 30.98 5.93
C ALA D 63 5.17 31.49 7.35
N ALA D 64 6.04 31.12 8.27
CA ALA D 64 5.83 31.57 9.65
C ALA D 64 5.65 33.10 9.84
N PRO D 65 6.41 34.00 9.17
CA PRO D 65 6.32 35.45 9.34
C PRO D 65 4.98 36.08 9.01
N VAL D 66 4.13 35.35 8.29
CA VAL D 66 2.83 35.85 7.88
C VAL D 66 1.67 35.09 8.53
N GLU D 67 1.99 34.11 9.37
CA GLU D 67 0.95 33.28 9.97
C GLU D 67 0.07 34.14 10.87
N GLY D 68 -1.24 34.03 10.70
CA GLY D 68 -2.19 34.76 11.52
C GLY D 68 -2.62 36.11 10.95
N ARG D 69 -1.93 36.60 9.92
CA ARG D 69 -2.28 37.89 9.35
C ARG D 69 -2.84 37.72 7.94
N PHE D 70 -2.78 36.49 7.46
CA PHE D 70 -3.20 36.09 6.12
C PHE D 70 -4.20 34.94 6.12
N THR D 71 -5.15 35.00 5.21
CA THR D 71 -6.08 33.89 4.97
C THR D 71 -6.29 33.68 3.47
N ILE D 72 -6.26 32.42 3.01
CA ILE D 72 -6.42 32.07 1.58
C ILE D 72 -7.62 31.13 1.35
N SER D 73 -8.42 31.44 0.34
CA SER D 73 -9.58 30.61 -0.03
C SER D 73 -9.81 30.72 -1.51
N ARG D 74 -10.60 29.82 -2.10
CA ARG D 74 -10.85 29.98 -3.52
C ARG D 74 -12.21 29.45 -3.94
N LEU D 75 -12.69 29.93 -5.09
CA LEU D 75 -13.94 29.47 -5.67
C LEU D 75 -13.66 28.74 -6.97
N ASN D 76 -13.83 27.43 -6.96
CA ASN D 76 -13.45 26.70 -8.16
C ASN D 76 -14.42 26.97 -9.31
N SER D 77 -15.65 27.32 -8.98
CA SER D 77 -16.69 27.52 -9.98
C SER D 77 -16.41 28.68 -10.92
N ILE D 78 -15.50 29.57 -10.54
CA ILE D 78 -15.14 30.68 -11.40
C ILE D 78 -13.64 30.72 -11.64
N ASN D 79 -12.93 29.62 -11.34
CA ASN D 79 -11.46 29.57 -11.49
C ASN D 79 -10.80 30.76 -10.82
N PHE D 80 -11.17 31.07 -9.59
CA PHE D 80 -10.61 32.28 -9.02
C PHE D 80 -10.19 32.10 -7.57
N LEU D 81 -9.08 32.71 -7.16
CA LEU D 81 -8.68 32.63 -5.76
C LEU D 81 -8.51 33.99 -5.12
N TYR D 82 -8.68 34.00 -3.80
CA TYR D 82 -8.62 35.22 -3.00
C TYR D 82 -7.72 35.09 -1.77
N LEU D 83 -7.14 36.21 -1.35
CA LEU D 83 -6.45 36.20 -0.07
C LEU D 83 -6.57 37.53 0.65
N GLU D 84 -6.87 37.44 1.93
CA GLU D 84 -7.04 38.63 2.75
C GLU D 84 -5.86 38.82 3.66
N MET D 85 -5.43 40.07 3.73
CA MET D 85 -4.36 40.48 4.61
C MET D 85 -4.84 41.50 5.62
N ASN D 86 -4.39 41.32 6.86
CA ASN D 86 -4.77 42.22 7.94
C ASN D 86 -3.59 42.77 8.71
N ASN D 87 -3.80 43.90 9.36
CA ASN D 87 -2.79 44.49 10.23
C ASN D 87 -1.47 44.69 9.48
N LEU D 88 -1.53 45.33 8.30
CA LEU D 88 -0.35 45.50 7.45
C LEU D 88 0.71 46.43 7.99
N ARG D 89 1.95 46.05 7.71
CA ARG D 89 3.14 46.79 8.09
C ARG D 89 4.01 47.08 6.88
N MET D 90 5.02 47.92 7.03
CA MET D 90 5.82 48.30 5.88
C MET D 90 6.47 47.12 5.17
N GLU D 91 6.79 46.06 5.92
CA GLU D 91 7.41 44.86 5.35
C GLU D 91 6.46 44.07 4.45
N ASP D 92 5.17 44.41 4.43
CA ASP D 92 4.21 43.71 3.59
C ASP D 92 4.16 44.30 2.20
N SER D 93 4.82 45.44 1.98
CA SER D 93 4.80 46.04 0.66
C SER D 93 5.56 45.17 -0.31
N GLY D 94 5.12 45.12 -1.55
CA GLY D 94 5.82 44.39 -2.58
C GLY D 94 4.93 43.87 -3.67
N LEU D 95 5.51 43.22 -4.64
CA LEU D 95 4.73 42.71 -5.74
C LEU D 95 4.29 41.31 -5.40
N TYR D 96 2.98 41.09 -5.34
CA TYR D 96 2.42 39.81 -4.97
C TYR D 96 2.07 38.99 -6.17
N PHE D 97 2.69 37.84 -6.27
CA PHE D 97 2.52 36.95 -7.39
C PHE D 97 1.73 35.74 -7.00
N CYS D 98 0.89 35.31 -7.91
CA CYS D 98 0.19 34.08 -7.73
C CYS D 98 0.82 33.09 -8.67
N ALA D 99 0.94 31.85 -8.26
CA ALA D 99 1.49 30.86 -9.16
C ALA D 99 0.84 29.49 -9.01
N ARG D 100 0.81 28.76 -10.12
CA ARG D 100 0.36 27.39 -10.16
C ARG D 100 1.52 26.49 -9.89
N THR D 101 1.37 25.61 -8.92
CA THR D 101 2.45 24.73 -8.57
C THR D 101 2.18 23.29 -8.93
N GLY D 102 3.24 22.52 -8.90
CA GLY D 102 3.17 21.09 -9.12
C GLY D 102 3.87 20.38 -8.00
N LYS D 103 3.94 19.07 -8.12
CA LYS D 103 4.58 18.26 -7.10
C LYS D 103 5.64 17.40 -7.73
N TYR D 104 6.70 17.14 -6.98
CA TYR D 104 7.75 16.27 -7.46
C TYR D 104 8.20 15.27 -6.41
N TYR D 105 8.40 14.03 -6.83
CA TYR D 105 8.91 13.02 -5.92
C TYR D 105 9.70 12.00 -6.70
N ASP D 106 10.84 11.59 -6.16
CA ASP D 106 11.64 10.52 -6.75
C ASP D 106 11.54 9.29 -5.89
N PHE D 107 10.89 8.26 -6.39
CA PHE D 107 10.68 7.07 -5.61
C PHE D 107 11.96 6.54 -5.02
N TRP D 108 13.03 6.47 -5.80
CA TRP D 108 14.25 5.86 -5.27
C TRP D 108 15.12 6.78 -4.42
N SER D 109 15.23 8.06 -4.79
CA SER D 109 16.16 8.96 -4.10
C SER D 109 15.54 10.08 -3.27
N GLY D 110 14.23 10.22 -3.25
CA GLY D 110 13.62 11.34 -2.55
C GLY D 110 13.34 11.05 -1.08
N TYR D 111 12.55 11.94 -0.51
CA TYR D 111 12.21 11.92 0.89
C TYR D 111 10.84 12.58 1.01
N PRO D 112 9.92 12.11 1.84
CA PRO D 112 8.63 12.72 2.02
C PRO D 112 8.79 14.06 2.74
N PRO D 113 7.88 15.00 2.52
CA PRO D 113 6.80 15.04 1.56
C PRO D 113 7.20 15.56 0.18
N GLY D 114 8.31 15.08 -0.39
CA GLY D 114 8.69 15.48 -1.73
C GLY D 114 9.10 16.93 -1.78
N GLU D 115 9.03 17.47 -3.00
CA GLU D 115 9.40 18.83 -3.27
C GLU D 115 8.33 19.50 -4.08
N GLU D 116 8.53 20.78 -4.38
CA GLU D 116 7.56 21.55 -5.14
C GLU D 116 8.21 22.44 -6.16
N TYR D 117 7.45 22.77 -7.16
CA TYR D 117 7.91 23.74 -8.12
C TYR D 117 6.77 24.64 -8.51
N PHE D 118 7.12 25.87 -8.87
CA PHE D 118 6.11 26.84 -9.27
C PHE D 118 6.14 26.94 -10.78
N GLN D 119 5.23 26.23 -11.42
CA GLN D 119 5.25 26.07 -12.86
C GLN D 119 4.80 27.27 -13.68
N ASP D 120 3.77 27.95 -13.19
CA ASP D 120 3.21 29.07 -13.97
C ASP D 120 2.93 30.28 -13.12
N TRP D 121 3.61 31.36 -13.42
CA TRP D 121 3.47 32.58 -12.62
C TRP D 121 2.70 33.66 -13.35
N GLY D 122 1.93 34.43 -12.61
CA GLY D 122 1.25 35.58 -13.19
C GLY D 122 2.17 36.80 -13.12
N ARG D 123 1.67 37.95 -13.55
CA ARG D 123 2.44 39.20 -13.56
C ARG D 123 2.66 39.78 -12.17
N GLY D 124 1.65 39.62 -11.33
CA GLY D 124 1.65 40.12 -9.97
C GLY D 124 0.90 41.43 -9.82
N THR D 125 0.46 41.72 -8.59
CA THR D 125 -0.26 42.96 -8.30
C THR D 125 0.51 43.69 -7.19
N LEU D 126 0.64 45.01 -7.30
CA LEU D 126 1.46 45.73 -6.33
C LEU D 126 0.75 46.29 -5.10
N VAL D 127 1.27 45.92 -3.94
CA VAL D 127 0.77 46.34 -2.65
C VAL D 127 1.77 47.27 -1.99
N THR D 128 1.30 48.43 -1.56
CA THR D 128 2.19 49.36 -0.88
C THR D 128 1.60 49.74 0.46
N VAL D 129 2.45 50.25 1.35
CA VAL D 129 2.03 50.64 2.68
C VAL D 129 2.51 52.06 2.99
N SER D 130 1.65 52.89 3.66
CA SER D 130 1.88 54.28 4.08
C SER D 130 2.17 55.20 2.89
N TYR E 2 16.30 32.75 6.60
CA TYR E 2 17.15 32.63 5.41
C TYR E 2 17.70 31.18 5.32
N GLU E 3 16.81 30.22 4.98
CA GLU E 3 17.07 28.78 4.84
C GLU E 3 17.99 28.40 3.69
N LEU E 4 17.88 29.13 2.59
CA LEU E 4 18.72 28.86 1.43
C LEU E 4 19.68 30.00 1.15
N THR E 5 20.96 29.64 1.10
CA THR E 5 22.05 30.55 0.85
C THR E 5 22.37 30.61 -0.62
N GLN E 6 22.42 31.81 -1.15
CA GLN E 6 22.70 32.04 -2.55
C GLN E 6 23.63 33.24 -2.70
N GLU E 7 24.52 33.19 -3.70
CA GLU E 7 25.49 34.25 -3.97
C GLU E 7 24.86 35.49 -4.57
N THR E 8 25.47 36.64 -4.31
CA THR E 8 24.97 37.93 -4.80
C THR E 8 24.85 38.02 -6.32
N GLY E 9 25.86 37.54 -7.04
CA GLY E 9 25.83 37.62 -8.49
C GLY E 9 27.12 37.16 -9.13
N VAL E 10 27.08 37.06 -10.45
CA VAL E 10 28.20 36.61 -11.27
C VAL E 10 28.35 37.38 -12.59
N SER E 11 29.59 37.66 -12.95
CA SER E 11 29.93 38.27 -14.25
C SER E 11 30.22 37.15 -15.25
N VAL E 12 29.44 37.08 -16.32
CA VAL E 12 29.58 35.99 -17.26
C VAL E 12 30.00 36.46 -18.66
N ALA E 13 31.08 35.89 -19.15
CA ALA E 13 31.54 36.21 -20.50
C ALA E 13 30.54 35.65 -21.49
N LEU E 14 30.33 36.31 -22.61
CA LEU E 14 29.33 35.81 -23.54
C LEU E 14 29.70 34.44 -24.09
N GLY E 15 28.74 33.50 -24.02
CA GLY E 15 28.93 32.15 -24.52
C GLY E 15 29.62 31.21 -23.52
N ARG E 16 29.90 31.69 -22.31
CA ARG E 16 30.59 30.89 -21.30
C ARG E 16 29.70 30.15 -20.32
N THR E 17 30.33 29.22 -19.60
CA THR E 17 29.65 28.43 -18.59
C THR E 17 30.01 28.81 -17.17
N VAL E 18 28.99 29.07 -16.37
CA VAL E 18 29.13 29.38 -14.95
C VAL E 18 28.16 28.57 -14.11
N THR E 19 28.43 28.45 -12.82
CA THR E 19 27.50 27.73 -11.97
C THR E 19 26.93 28.61 -10.86
N ILE E 20 25.62 28.55 -10.72
CA ILE E 20 24.93 29.25 -9.65
C ILE E 20 24.60 28.24 -8.58
N THR E 21 25.09 28.45 -7.38
CA THR E 21 24.83 27.47 -6.35
C THR E 21 23.85 27.93 -5.31
N CYS E 22 23.32 26.97 -4.59
CA CYS E 22 22.42 27.13 -3.48
C CYS E 22 22.81 26.18 -2.36
N ARG E 23 22.91 26.70 -1.13
CA ARG E 23 23.25 25.83 -0.01
C ARG E 23 22.26 25.89 1.14
N GLY E 24 22.13 24.78 1.84
CA GLY E 24 21.25 24.74 3.00
C GLY E 24 21.15 23.34 3.55
N ASP E 25 20.47 23.18 4.67
CA ASP E 25 20.35 21.87 5.28
C ASP E 25 19.23 21.07 4.67
N SER E 26 18.21 21.75 4.20
CA SER E 26 17.06 21.04 3.65
C SER E 26 17.43 20.40 2.32
N LEU E 27 18.53 20.83 1.74
CA LEU E 27 18.96 20.34 0.45
C LEU E 27 19.63 18.99 0.57
N ARG E 28 19.86 18.52 1.80
CA ARG E 28 20.44 17.20 1.91
C ARG E 28 19.42 16.15 1.52
N SER E 29 18.13 16.42 1.75
CA SER E 29 17.11 15.45 1.43
C SER E 29 16.19 15.90 0.30
N HIS E 30 16.21 17.20 -0.03
CA HIS E 30 15.33 17.72 -1.05
C HIS E 30 16.06 18.42 -2.19
N TYR E 31 15.42 18.47 -3.34
CA TYR E 31 15.94 19.15 -4.51
C TYR E 31 15.50 20.60 -4.56
N ALA E 32 16.28 21.43 -5.25
CA ALA E 32 15.86 22.82 -5.41
C ALA E 32 15.32 23.06 -6.81
N SER E 33 14.26 23.84 -6.88
CA SER E 33 13.67 24.29 -8.11
C SER E 33 14.35 25.60 -8.49
N TRP E 34 14.68 25.79 -9.77
CA TRP E 34 15.35 27.00 -10.21
C TRP E 34 14.55 27.85 -11.17
N TYR E 35 14.63 29.17 -10.95
CA TYR E 35 13.91 30.19 -11.70
C TYR E 35 14.77 31.28 -12.30
N GLN E 36 14.32 31.83 -13.42
CA GLN E 36 14.94 32.97 -14.11
C GLN E 36 13.96 34.13 -14.17
N LYS E 37 14.38 35.31 -13.74
CA LYS E 37 13.47 36.46 -13.76
C LYS E 37 14.04 37.74 -14.37
N LYS E 38 13.23 38.42 -15.17
CA LYS E 38 13.65 39.68 -15.73
C LYS E 38 12.82 40.77 -15.06
N PRO E 39 13.34 41.99 -14.88
CA PRO E 39 12.57 43.09 -14.37
C PRO E 39 11.35 43.29 -15.26
N GLY E 40 10.19 43.46 -14.64
CA GLY E 40 8.95 43.69 -15.36
C GLY E 40 8.26 42.40 -15.85
N GLN E 41 8.90 41.26 -15.67
CA GLN E 41 8.35 39.99 -16.15
C GLN E 41 8.02 39.01 -15.04
N ALA E 42 7.10 38.10 -15.34
CA ALA E 42 6.85 37.01 -14.42
C ALA E 42 8.09 36.11 -14.50
N PRO E 43 8.53 35.45 -13.43
CA PRO E 43 9.64 34.53 -13.43
C PRO E 43 9.24 33.25 -14.13
N ILE E 44 10.22 32.53 -14.67
CA ILE E 44 9.98 31.25 -15.31
C ILE E 44 10.79 30.13 -14.67
N LEU E 45 10.16 28.97 -14.50
CA LEU E 45 10.84 27.82 -13.97
C LEU E 45 11.75 27.21 -15.02
N LEU E 46 13.01 27.06 -14.70
CA LEU E 46 13.96 26.44 -15.60
C LEU E 46 14.36 25.03 -15.23
N PHE E 47 14.35 24.69 -13.96
CA PHE E 47 14.79 23.34 -13.60
C PHE E 47 14.23 22.83 -12.28
N TYR E 48 13.85 21.56 -12.22
CA TYR E 48 13.43 21.05 -10.91
C TYR E 48 13.69 19.57 -10.72
N GLY E 49 13.70 19.14 -9.47
CA GLY E 49 13.88 17.73 -9.18
C GLY E 49 15.31 17.33 -9.40
N LYS E 50 15.56 16.03 -9.62
CA LYS E 50 16.95 15.63 -9.80
C LYS E 50 17.47 15.88 -11.22
N ASN E 51 16.56 15.85 -12.21
CA ASN E 51 16.89 16.00 -13.62
C ASN E 51 15.65 16.23 -14.46
N ASN E 52 15.09 17.44 -14.42
CA ASN E 52 13.89 17.70 -15.18
C ASN E 52 13.84 19.13 -15.74
N ARG E 53 14.05 19.23 -17.06
CA ARG E 53 14.04 20.52 -17.74
C ARG E 53 12.59 20.71 -18.20
N PRO E 54 11.87 21.77 -17.80
CA PRO E 54 10.50 22.05 -18.17
C PRO E 54 10.41 22.29 -19.64
N SER E 55 9.25 22.10 -20.23
CA SER E 55 9.11 22.47 -21.62
C SER E 55 8.99 23.98 -21.70
N GLY E 56 9.19 24.56 -22.89
CA GLY E 56 9.00 26.01 -23.04
C GLY E 56 10.22 26.85 -22.66
N VAL E 57 11.35 26.20 -22.48
CA VAL E 57 12.58 26.86 -22.10
C VAL E 57 13.64 26.38 -23.08
N PRO E 58 14.77 27.07 -23.25
CA PRO E 58 15.89 26.63 -24.04
C PRO E 58 16.42 25.35 -23.41
N ASP E 59 16.98 24.46 -24.20
CA ASP E 59 17.57 23.21 -23.71
C ASP E 59 19.08 23.33 -23.59
N ARG E 60 19.53 24.57 -23.42
CA ARG E 60 20.92 24.96 -23.30
C ARG E 60 21.59 24.44 -22.03
N PHE E 61 20.84 24.34 -20.94
CA PHE E 61 21.43 23.96 -19.68
C PHE E 61 20.49 23.34 -18.66
N SER E 62 21.04 22.75 -17.61
CA SER E 62 20.25 22.14 -16.54
C SER E 62 21.01 22.14 -15.21
N GLY E 63 20.31 21.83 -14.13
CA GLY E 63 20.93 21.75 -12.81
C GLY E 63 21.14 20.32 -12.32
N SER E 64 21.57 20.23 -11.07
CA SER E 64 21.85 18.98 -10.35
C SER E 64 21.94 19.26 -8.85
N ALA E 65 22.03 18.20 -8.03
CA ALA E 65 22.24 18.40 -6.59
C ALA E 65 22.95 17.22 -5.95
N SER E 66 23.72 17.51 -4.90
CA SER E 66 24.44 16.51 -4.10
C SER E 66 24.82 17.11 -2.75
N GLY E 67 25.17 16.27 -1.76
CA GLY E 67 25.64 16.84 -0.50
C GLY E 67 24.54 17.71 0.10
N ASN E 68 24.89 18.95 0.44
CA ASN E 68 23.97 19.94 1.00
C ASN E 68 23.91 21.14 0.06
N ARG E 69 24.18 20.89 -1.22
CA ARG E 69 24.21 21.94 -2.22
C ARG E 69 23.43 21.56 -3.48
N ALA E 70 22.80 22.56 -4.06
CA ALA E 70 22.09 22.41 -5.31
C ALA E 70 22.62 23.43 -6.26
N SER E 71 22.58 23.14 -7.55
CA SER E 71 23.05 24.14 -8.48
C SER E 71 22.40 24.12 -9.84
N LEU E 72 22.49 25.25 -10.51
CA LEU E 72 22.05 25.40 -11.88
C LEU E 72 23.23 25.78 -12.72
N THR E 73 23.50 25.03 -13.78
CA THR E 73 24.61 25.40 -14.61
C THR E 73 24.06 26.28 -15.70
N ILE E 74 24.70 27.39 -15.96
CA ILE E 74 24.30 28.25 -17.06
C ILE E 74 25.37 28.03 -18.09
N SER E 75 25.00 27.65 -19.29
CA SER E 75 26.00 27.31 -20.32
C SER E 75 25.70 27.94 -21.64
N GLY E 76 26.72 28.60 -22.21
CA GLY E 76 26.52 29.28 -23.48
C GLY E 76 25.69 30.50 -23.21
N ALA E 77 25.89 31.11 -22.03
CA ALA E 77 25.05 32.24 -21.64
C ALA E 77 25.00 33.35 -22.66
N GLN E 78 23.78 33.77 -22.98
CA GLN E 78 23.60 34.86 -23.93
C GLN E 78 23.07 36.11 -23.27
N ALA E 79 22.95 37.19 -24.03
CA ALA E 79 22.44 38.43 -23.43
C ALA E 79 21.05 38.26 -22.83
N GLU E 80 20.23 37.41 -23.44
CA GLU E 80 18.88 37.16 -22.97
C GLU E 80 18.82 36.37 -21.65
N ASP E 81 19.96 35.84 -21.20
CA ASP E 81 20.05 35.09 -19.95
C ASP E 81 20.46 36.02 -18.80
N ASP E 82 20.62 37.31 -19.10
CA ASP E 82 20.98 38.27 -18.06
C ASP E 82 19.71 38.41 -17.25
N ALA E 83 19.73 37.91 -16.02
CA ALA E 83 18.52 37.78 -15.21
C ALA E 83 18.81 37.59 -13.74
N GLU E 84 17.77 37.76 -12.94
CA GLU E 84 17.87 37.40 -11.54
C GLU E 84 17.64 35.90 -11.51
N TYR E 85 18.37 35.15 -10.71
CA TYR E 85 18.08 33.74 -10.60
C TYR E 85 17.72 33.39 -9.17
N TYR E 86 16.77 32.48 -9.06
CA TYR E 86 16.28 32.03 -7.76
C TYR E 86 16.25 30.55 -7.65
N CYS E 87 16.35 30.11 -6.43
CA CYS E 87 16.28 28.71 -6.08
C CYS E 87 15.29 28.53 -4.97
N SER E 88 14.55 27.43 -4.99
CA SER E 88 13.62 27.17 -3.90
C SER E 88 13.52 25.72 -3.53
N SER E 89 13.20 25.49 -2.27
CA SER E 89 13.05 24.13 -1.78
C SER E 89 12.27 24.15 -0.49
N ARG E 90 12.39 23.09 0.28
CA ARG E 90 11.70 23.02 1.57
C ARG E 90 12.52 23.83 2.58
N ASP E 91 11.87 24.33 3.63
CA ASP E 91 12.59 25.07 4.66
C ASP E 91 13.46 24.17 5.53
N LYS E 92 12.91 23.02 5.88
CA LYS E 92 13.59 22.02 6.70
C LYS E 92 13.32 20.65 6.13
N SER E 93 14.25 19.73 6.32
CA SER E 93 14.01 18.39 5.81
C SER E 93 12.76 17.80 6.40
N GLY E 94 11.86 17.32 5.54
CA GLY E 94 10.62 16.69 6.00
C GLY E 94 9.45 17.66 6.21
N SER E 95 9.67 18.96 6.12
CA SER E 95 8.62 19.94 6.33
C SER E 95 7.85 20.21 5.05
N ARG E 96 6.70 20.88 5.19
CA ARG E 96 5.82 21.20 4.07
C ARG E 96 5.82 22.67 3.66
N LEU E 97 6.69 23.48 4.24
CA LEU E 97 6.71 24.90 3.90
C LEU E 97 7.81 25.14 2.90
N SER E 98 7.62 26.13 2.03
CA SER E 98 8.62 26.42 1.01
C SER E 98 9.39 27.69 1.28
N VAL E 99 10.63 27.70 0.80
CA VAL E 99 11.50 28.87 0.88
C VAL E 99 12.22 29.15 -0.43
N PHE E 100 12.64 30.38 -0.60
CA PHE E 100 13.46 30.80 -1.72
C PHE E 100 14.75 31.38 -1.17
N GLY E 101 15.81 31.31 -1.96
CA GLY E 101 17.06 31.93 -1.58
C GLY E 101 17.01 33.41 -1.88
N GLY E 102 18.08 34.12 -1.56
CA GLY E 102 18.15 35.57 -1.70
C GLY E 102 18.00 36.14 -3.10
N GLY E 103 18.44 35.43 -4.12
CA GLY E 103 18.38 35.92 -5.48
C GLY E 103 19.76 36.34 -5.90
N THR E 104 20.19 35.86 -7.07
CA THR E 104 21.52 36.19 -7.55
C THR E 104 21.40 36.94 -8.86
N LYS E 105 22.23 37.95 -9.07
CA LYS E 105 22.16 38.62 -10.36
C LYS E 105 23.23 38.10 -11.29
N LEU E 106 22.82 37.56 -12.43
CA LEU E 106 23.77 37.06 -13.40
C LEU E 106 23.75 38.01 -14.56
N THR E 107 24.91 38.52 -14.91
CA THR E 107 25.00 39.45 -16.02
C THR E 107 25.86 38.92 -17.12
N VAL E 108 25.40 39.06 -18.36
CA VAL E 108 26.17 38.52 -19.48
C VAL E 108 26.77 39.65 -20.32
N LEU E 109 28.11 39.62 -20.44
CA LEU E 109 28.95 40.62 -21.10
C LEU E 109 28.81 40.50 -22.61
C1 NAG F . 3.76 -7.53 -23.80
C2 NAG F . 4.66 -7.62 -25.12
C3 NAG F . 3.81 -8.22 -26.29
C4 NAG F . 3.25 -9.62 -25.88
C5 NAG F . 2.38 -9.47 -24.57
C6 NAG F . 1.83 -10.79 -24.07
C7 NAG F . 6.36 -5.80 -25.32
C8 NAG F . 6.71 -4.41 -25.77
N2 NAG F . 5.12 -6.26 -25.51
O3 NAG F . 4.61 -8.37 -27.47
O4 NAG F . 2.46 -10.14 -26.95
O5 NAG F . 3.22 -8.88 -23.49
O6 NAG F . 0.94 -11.40 -25.01
O7 NAG F . 7.24 -6.50 -24.79
#